data_1S2G
#
_entry.id   1S2G
#
_cell.length_a   79.587
_cell.length_b   79.587
_cell.length_c   184.973
_cell.angle_alpha   90.00
_cell.angle_beta   90.00
_cell.angle_gamma   90.00
#
_symmetry.space_group_name_H-M   'P 43 21 2'
#
loop_
_entity.id
_entity.type
_entity.pdbx_description
1 polymer 'purine trans deoxyribosylase'
2 non-polymer (2R,3S,5R)-5-(6-amino-9H-purin-9-yl)-tetrahydro-2-(hydroxymethyl)furan-3-ol
3 water water
#
_entity_poly.entity_id   1
_entity_poly.type   'polypeptide(L)'
_entity_poly.pdbx_seq_one_letter_code
;MKAVVPTGKIYLGSPFYSDAQRERAAKAKELLAKNPSIAHVFFPFDDGFTDPDEKNPEIGGIRSMVWRDATYQNDLTGIS
NATCGVFLYDMDQLDDGSAFEIGFMRAMHKPVILVPFTEHPEKEKKMNLMIAQGVTTIIDGNTEFEKLADYNFNECPSNP
VRGYGIY
;
_entity_poly.pdbx_strand_id   A,B,C
#
loop_
_chem_comp.id
_chem_comp.type
_chem_comp.name
_chem_comp.formula
3D1 non-polymer (2R,3S,5R)-5-(6-amino-9H-purin-9-yl)-tetrahydro-2-(hydroxymethyl)furan-3-ol 'C10 H13 N5 O3'
#
# COMPACT_ATOMS: atom_id res chain seq x y z
N MET A 1 9.17 -15.71 -4.63
CA MET A 1 8.52 -14.79 -5.60
C MET A 1 7.08 -15.22 -5.91
N LYS A 2 6.83 -16.53 -5.89
CA LYS A 2 5.50 -17.07 -6.16
C LYS A 2 4.54 -16.69 -5.04
N ALA A 3 3.46 -15.98 -5.41
CA ALA A 3 2.47 -15.53 -4.44
C ALA A 3 1.63 -16.65 -3.86
N VAL A 4 1.38 -16.55 -2.55
CA VAL A 4 0.56 -17.52 -1.85
C VAL A 4 -0.88 -17.25 -2.23
N VAL A 5 -1.17 -15.98 -2.49
CA VAL A 5 -2.50 -15.55 -2.90
C VAL A 5 -2.32 -14.38 -3.86
N PRO A 6 -3.28 -14.17 -4.77
CA PRO A 6 -3.13 -13.04 -5.70
C PRO A 6 -3.05 -11.76 -4.89
N THR A 7 -2.09 -10.90 -5.22
CA THR A 7 -1.94 -9.62 -4.52
C THR A 7 -2.11 -8.45 -5.47
N GLY A 8 -2.16 -8.74 -6.76
CA GLY A 8 -2.31 -7.68 -7.74
C GLY A 8 -3.65 -6.93 -7.61
N LYS A 9 -3.58 -5.65 -7.30
CA LYS A 9 -4.77 -4.83 -7.19
C LYS A 9 -4.62 -3.75 -8.24
N ILE A 10 -5.42 -3.92 -9.29
CA ILE A 10 -5.38 -3.06 -10.46
C ILE A 10 -6.33 -1.88 -10.49
N TYR A 11 -5.80 -0.73 -10.88
CA TYR A 11 -6.61 0.45 -11.08
C TYR A 11 -6.64 0.51 -12.59
N LEU A 12 -7.77 0.14 -13.18
CA LEU A 12 -7.89 0.16 -14.64
C LEU A 12 -8.36 1.54 -15.07
N GLY A 13 -7.40 2.41 -15.40
CA GLY A 13 -7.73 3.75 -15.83
C GLY A 13 -7.94 3.78 -17.33
N SER A 14 -8.92 4.55 -17.79
CA SER A 14 -9.20 4.63 -19.21
C SER A 14 -10.32 5.58 -19.57
N PRO A 15 -10.24 6.17 -20.77
CA PRO A 15 -11.32 7.08 -21.17
C PRO A 15 -12.51 6.14 -21.38
N PHE A 16 -13.74 6.63 -21.27
CA PHE A 16 -14.91 5.78 -21.44
C PHE A 16 -15.94 6.56 -22.23
N TYR A 17 -15.50 7.10 -23.35
CA TYR A 17 -16.36 7.94 -24.16
C TYR A 17 -16.74 7.33 -25.51
N SER A 18 -15.77 7.23 -26.43
CA SER A 18 -16.07 6.65 -27.73
C SER A 18 -16.42 5.18 -27.58
N ASP A 19 -17.07 4.59 -28.59
CA ASP A 19 -17.42 3.18 -28.53
C ASP A 19 -16.16 2.32 -28.52
N ALA A 20 -15.13 2.77 -29.23
CA ALA A 20 -13.88 2.05 -29.29
C ALA A 20 -13.27 1.93 -27.90
N GLN A 21 -13.30 3.03 -27.16
CA GLN A 21 -12.76 3.04 -25.80
C GLN A 21 -13.59 2.13 -24.90
N ARG A 22 -14.90 2.15 -25.11
CA ARG A 22 -15.79 1.32 -24.32
C ARG A 22 -15.50 -0.15 -24.62
N GLU A 23 -15.15 -0.45 -25.86
CA GLU A 23 -14.85 -1.82 -26.24
C GLU A 23 -13.54 -2.29 -25.62
N ARG A 24 -12.51 -1.44 -25.65
CA ARG A 24 -11.21 -1.80 -25.07
C ARG A 24 -11.36 -2.10 -23.58
N ALA A 25 -12.05 -1.22 -22.85
CA ALA A 25 -12.26 -1.40 -21.44
C ALA A 25 -12.97 -2.73 -21.19
N ALA A 26 -13.93 -3.04 -22.05
CA ALA A 26 -14.68 -4.28 -21.93
C ALA A 26 -13.75 -5.49 -22.09
N LYS A 27 -12.85 -5.42 -23.07
CA LYS A 27 -11.93 -6.51 -23.32
C LYS A 27 -10.94 -6.64 -22.16
N ALA A 28 -10.33 -5.51 -21.79
CA ALA A 28 -9.35 -5.48 -20.70
C ALA A 28 -9.89 -6.20 -19.46
N LYS A 29 -11.10 -5.85 -19.06
CA LYS A 29 -11.72 -6.46 -17.89
C LYS A 29 -11.77 -7.97 -18.06
N GLU A 30 -12.24 -8.42 -19.22
CA GLU A 30 -12.31 -9.85 -19.52
C GLU A 30 -10.93 -10.47 -19.42
N LEU A 31 -9.94 -9.84 -20.05
CA LEU A 31 -8.57 -10.34 -20.03
C LEU A 31 -8.01 -10.38 -18.60
N LEU A 32 -8.09 -9.27 -17.88
CA LEU A 32 -7.59 -9.21 -16.51
C LEU A 32 -8.28 -10.27 -15.65
N ALA A 33 -9.54 -10.54 -15.96
CA ALA A 33 -10.33 -11.51 -15.20
C ALA A 33 -9.76 -12.92 -15.27
N LYS A 34 -8.88 -13.17 -16.23
CA LYS A 34 -8.29 -14.49 -16.38
C LYS A 34 -6.88 -14.56 -15.79
N ASN A 35 -6.36 -13.41 -15.36
CA ASN A 35 -5.03 -13.37 -14.77
C ASN A 35 -5.06 -13.83 -13.32
N PRO A 36 -4.40 -14.96 -13.01
CA PRO A 36 -4.35 -15.51 -11.67
C PRO A 36 -3.53 -14.71 -10.65
N SER A 37 -2.85 -13.66 -11.10
CA SER A 37 -2.03 -12.83 -10.20
C SER A 37 -2.82 -11.65 -9.65
N ILE A 38 -4.04 -11.47 -10.17
CA ILE A 38 -4.90 -10.37 -9.77
C ILE A 38 -5.89 -10.75 -8.69
N ALA A 39 -5.99 -9.90 -7.66
CA ALA A 39 -6.92 -10.16 -6.56
C ALA A 39 -8.13 -9.25 -6.74
N HIS A 40 -7.95 -8.15 -7.46
CA HIS A 40 -9.02 -7.19 -7.67
C HIS A 40 -8.71 -6.16 -8.75
N VAL A 41 -9.75 -5.73 -9.45
CA VAL A 41 -9.65 -4.74 -10.50
C VAL A 41 -10.67 -3.66 -10.24
N PHE A 42 -10.24 -2.40 -10.32
CA PHE A 42 -11.14 -1.29 -10.12
C PHE A 42 -11.26 -0.48 -11.40
N PHE A 43 -12.48 -0.35 -11.91
CA PHE A 43 -12.73 0.44 -13.11
C PHE A 43 -13.65 1.55 -12.64
N PRO A 44 -13.15 2.79 -12.65
CA PRO A 44 -13.89 3.98 -12.23
C PRO A 44 -15.30 4.21 -12.79
N PHE A 45 -15.59 3.66 -13.97
CA PHE A 45 -16.92 3.86 -14.55
C PHE A 45 -17.97 2.81 -14.21
N ASP A 46 -17.60 1.81 -13.42
CA ASP A 46 -18.57 0.79 -13.03
C ASP A 46 -19.53 1.39 -12.00
N GLY A 48 -21.21 4.37 -10.33
CA GLY A 48 -20.88 5.73 -9.92
C GLY A 48 -21.56 6.15 -8.63
N PHE A 49 -21.38 7.41 -8.25
CA PHE A 49 -21.98 7.96 -7.05
C PHE A 49 -23.22 8.76 -7.43
N THR A 50 -24.22 8.73 -6.57
CA THR A 50 -25.45 9.46 -6.81
C THR A 50 -25.65 10.53 -5.75
N ASP A 51 -25.69 11.78 -6.20
CA ASP A 51 -25.90 12.89 -5.30
C ASP A 51 -27.42 13.01 -5.18
N PRO A 52 -27.98 12.63 -4.02
CA PRO A 52 -29.43 12.70 -3.84
C PRO A 52 -29.96 14.12 -4.01
N ASP A 53 -29.08 15.10 -3.88
CA ASP A 53 -29.47 16.50 -4.00
C ASP A 53 -29.21 17.07 -5.39
N GLU A 54 -28.83 16.20 -6.32
CA GLU A 54 -28.57 16.65 -7.69
C GLU A 54 -29.81 16.36 -8.54
N LYS A 55 -30.58 17.41 -8.82
CA LYS A 55 -31.80 17.26 -9.61
C LYS A 55 -31.49 16.87 -11.05
N PRO A 57 -29.30 15.66 -13.19
CA PRO A 57 -27.90 15.63 -13.61
C PRO A 57 -27.75 15.15 -15.04
N GLU A 58 -26.88 15.81 -15.80
CA GLU A 58 -26.65 15.43 -17.19
C GLU A 58 -25.17 15.15 -17.40
N ILE A 59 -24.88 13.98 -17.97
CA ILE A 59 -23.49 13.64 -18.23
C ILE A 59 -22.97 14.70 -19.17
N GLY A 60 -21.82 15.28 -18.82
CA GLY A 60 -21.24 16.32 -19.65
C GLY A 60 -21.74 17.69 -19.22
N GLY A 61 -22.76 17.72 -18.37
CA GLY A 61 -23.28 18.98 -17.90
C GLY A 61 -22.58 19.43 -16.63
N ILE A 62 -23.11 20.47 -16.00
CA ILE A 62 -22.54 20.97 -14.76
C ILE A 62 -22.94 19.99 -13.66
N ARG A 63 -21.95 19.40 -13.01
CA ARG A 63 -22.25 18.45 -11.94
C ARG A 63 -22.06 19.12 -10.59
N SER A 64 -22.85 18.70 -9.61
CA SER A 64 -22.76 19.26 -8.26
C SER A 64 -21.35 19.02 -7.72
N MET A 65 -20.90 19.87 -6.80
CA MET A 65 -19.57 19.72 -6.23
C MET A 65 -19.48 18.43 -5.41
N VAL A 66 -20.59 18.04 -4.78
CA VAL A 66 -20.63 16.82 -4.00
C VAL A 66 -20.34 15.63 -4.91
N TRP A 67 -21.05 15.56 -6.02
CA TRP A 67 -20.85 14.46 -6.97
C TRP A 67 -19.40 14.48 -7.44
N ARG A 68 -18.93 15.67 -7.79
CA ARG A 68 -17.54 15.83 -8.26
C ARG A 68 -16.55 15.32 -7.22
N ASP A 69 -16.71 15.76 -5.98
CA ASP A 69 -15.81 15.32 -4.91
C ASP A 69 -15.86 13.82 -4.68
N ALA A 70 -17.07 13.29 -4.54
CA ALA A 70 -17.26 11.87 -4.29
C ALA A 70 -16.67 11.00 -5.40
N THR A 71 -16.94 11.39 -6.63
CA THR A 71 -16.46 10.63 -7.79
C THR A 71 -14.94 10.72 -7.93
N TYR A 72 -14.40 11.92 -7.78
CA TYR A 72 -12.95 12.12 -7.86
C TYR A 72 -12.29 11.29 -6.77
N GLN A 73 -12.86 11.34 -5.57
CA GLN A 73 -12.30 10.59 -4.45
C GLN A 73 -12.40 9.08 -4.69
N ASN A 74 -13.52 8.64 -5.27
CA ASN A 74 -13.68 7.21 -5.55
C ASN A 74 -12.49 6.75 -6.38
N ASP A 75 -12.07 7.60 -7.31
CA ASP A 75 -10.92 7.28 -8.15
C ASP A 75 -9.60 7.32 -7.38
N LEU A 76 -9.40 8.35 -6.54
CA LEU A 76 -8.16 8.43 -5.77
C LEU A 76 -8.12 7.25 -4.82
N THR A 77 -9.29 6.88 -4.30
CA THR A 77 -9.39 5.75 -3.40
C THR A 77 -8.97 4.50 -4.16
N GLY A 78 -9.45 4.36 -5.39
CA GLY A 78 -9.07 3.21 -6.19
C GLY A 78 -7.57 3.22 -6.40
N ILE A 79 -7.00 4.40 -6.60
CA ILE A 79 -5.56 4.53 -6.82
C ILE A 79 -4.78 4.17 -5.56
N SER A 80 -5.30 4.61 -4.41
CA SER A 80 -4.67 4.33 -3.12
C SER A 80 -4.64 2.83 -2.84
N ASN A 81 -5.78 2.18 -3.00
CA ASN A 81 -5.91 0.75 -2.77
C ASN A 81 -5.11 -0.08 -3.77
N ALA A 82 -5.03 0.40 -5.00
CA ALA A 82 -4.32 -0.30 -6.05
C ALA A 82 -2.83 -0.47 -5.78
N THR A 83 -2.28 -1.56 -6.31
CA THR A 83 -0.85 -1.81 -6.16
C THR A 83 -0.21 -1.32 -7.45
N CYS A 84 -1.00 -1.27 -8.52
CA CYS A 84 -0.49 -0.82 -9.80
C CYS A 84 -1.60 -0.29 -10.69
N GLY A 85 -1.20 0.45 -11.72
CA GLY A 85 -2.19 0.98 -12.62
C GLY A 85 -2.06 0.40 -14.02
N VAL A 86 -3.20 0.15 -14.65
CA VAL A 86 -3.22 -0.36 -16.02
C VAL A 86 -4.03 0.69 -16.77
N PHE A 87 -3.39 1.36 -17.73
CA PHE A 87 -4.06 2.40 -18.48
C PHE A 87 -4.29 2.13 -19.96
N LEU A 88 -5.56 1.96 -20.32
CA LEU A 88 -5.98 1.75 -21.69
C LEU A 88 -5.81 3.16 -22.26
N TYR A 89 -4.58 3.45 -22.64
CA TYR A 89 -4.18 4.76 -23.14
C TYR A 89 -4.46 5.06 -24.62
N ASP A 90 -5.46 5.90 -24.87
CA ASP A 90 -5.84 6.29 -26.22
C ASP A 90 -4.79 7.25 -26.79
N MET A 91 -4.02 6.79 -27.76
CA MET A 91 -2.99 7.63 -28.36
C MET A 91 -3.54 8.61 -29.38
N ASP A 92 -4.78 8.39 -29.81
CA ASP A 92 -5.41 9.25 -30.80
C ASP A 92 -6.08 10.46 -30.15
N GLN A 93 -6.92 10.20 -29.15
CA GLN A 93 -7.60 11.26 -28.42
C GLN A 93 -7.05 11.20 -26.99
N LEU A 94 -6.00 11.98 -26.74
CA LEU A 94 -5.35 11.99 -25.43
C LEU A 94 -6.31 12.31 -24.30
N ASP A 95 -6.30 11.47 -23.29
CA ASP A 95 -7.15 11.62 -22.12
C ASP A 95 -6.32 12.20 -20.97
N ASP A 96 -6.50 13.48 -20.70
CA ASP A 96 -5.76 14.12 -19.62
C ASP A 96 -6.12 13.54 -18.26
N GLY A 97 -7.31 12.96 -18.14
CA GLY A 97 -7.71 12.37 -16.88
C GLY A 97 -6.79 11.19 -16.57
N SER A 98 -6.59 10.33 -17.56
CA SER A 98 -5.72 9.16 -17.41
C SER A 98 -4.30 9.62 -17.12
N ALA A 99 -3.82 10.60 -17.86
CA ALA A 99 -2.48 11.11 -17.66
C ALA A 99 -2.32 11.60 -16.22
N PHE A 100 -3.31 12.34 -15.73
CA PHE A 100 -3.29 12.86 -14.37
C PHE A 100 -3.04 11.69 -13.43
N GLU A 101 -3.86 10.66 -13.56
CA GLU A 101 -3.78 9.49 -12.72
C GLU A 101 -2.43 8.80 -12.78
N ILE A 102 -1.82 8.76 -13.97
CA ILE A 102 -0.52 8.14 -14.13
C ILE A 102 0.50 8.93 -13.30
N GLY A 103 0.50 10.24 -13.45
CA GLY A 103 1.42 11.07 -12.69
C GLY A 103 1.21 10.91 -11.19
N PHE A 104 -0.06 10.82 -10.80
CA PHE A 104 -0.43 10.66 -9.40
C PHE A 104 0.16 9.37 -8.85
N MET A 105 -0.05 8.27 -9.57
CA MET A 105 0.44 6.96 -9.15
C MET A 105 1.96 6.88 -9.06
N ARG A 106 2.65 7.52 -10.00
CA ARG A 106 4.11 7.51 -9.99
C ARG A 106 4.65 8.33 -8.83
N ALA A 107 3.97 9.41 -8.49
CA ALA A 107 4.40 10.25 -7.38
C ALA A 107 4.26 9.42 -6.11
N MET A 108 3.41 8.41 -6.16
CA MET A 108 3.22 7.51 -5.01
C MET A 108 4.19 6.33 -5.14
N HIS A 109 5.03 6.37 -6.18
CA HIS A 109 6.02 5.33 -6.45
C HIS A 109 5.41 4.00 -6.87
N LYS A 110 4.16 4.00 -7.29
CA LYS A 110 3.49 2.77 -7.72
C LYS A 110 3.79 2.47 -9.18
N PRO A 111 3.78 1.18 -9.56
CA PRO A 111 4.07 0.84 -10.95
C PRO A 111 2.87 1.18 -11.85
N VAL A 112 3.15 1.55 -13.09
CA VAL A 112 2.13 1.90 -14.07
C VAL A 112 2.34 1.16 -15.39
N ILE A 113 1.38 0.32 -15.74
CA ILE A 113 1.44 -0.44 -16.98
C ILE A 113 0.66 0.35 -18.04
N LEU A 114 1.36 0.85 -19.06
CA LEU A 114 0.71 1.60 -20.12
C LEU A 114 0.28 0.65 -21.23
N VAL A 115 -0.99 0.68 -21.59
CA VAL A 115 -1.51 -0.17 -22.67
C VAL A 115 -2.04 0.76 -23.75
N PRO A 116 -1.12 1.31 -24.59
CA PRO A 116 -1.49 2.22 -25.67
C PRO A 116 -2.30 1.64 -26.83
N PHE A 117 -3.20 2.46 -27.36
CA PHE A 117 -4.05 2.09 -28.49
C PHE A 117 -4.00 3.23 -29.51
N THR A 118 -3.92 2.85 -30.78
CA THR A 118 -3.89 3.81 -31.88
C THR A 118 -4.59 3.20 -33.07
N GLU A 119 -5.46 3.97 -33.72
CA GLU A 119 -6.16 3.45 -34.89
C GLU A 119 -5.55 4.09 -36.11
N HIS A 120 -4.46 4.83 -35.88
CA HIS A 120 -3.75 5.50 -36.96
C HIS A 120 -2.29 5.08 -36.99
N PRO A 121 -2.03 3.83 -37.40
CA PRO A 121 -0.66 3.31 -37.48
C PRO A 121 0.19 4.18 -38.41
N GLU A 122 -0.47 4.83 -39.36
CA GLU A 122 0.21 5.68 -40.34
C GLU A 122 1.03 6.80 -39.71
N LYS A 123 0.63 7.25 -38.52
CA LYS A 123 1.36 8.32 -37.85
C LYS A 123 2.54 7.85 -37.02
N GLU A 124 3.60 8.66 -37.01
CA GLU A 124 4.82 8.34 -36.28
C GLU A 124 4.54 8.11 -34.80
N LYS A 125 4.92 6.93 -34.30
CA LYS A 125 4.72 6.57 -32.91
C LYS A 125 5.54 7.53 -32.05
N LYS A 126 4.87 8.45 -31.40
CA LYS A 126 5.51 9.44 -30.54
C LYS A 126 4.84 9.42 -29.17
N MET A 127 5.55 9.88 -28.15
CA MET A 127 5.00 9.90 -26.81
C MET A 127 5.58 11.02 -25.99
N ASN A 128 4.74 11.65 -25.17
CA ASN A 128 5.21 12.74 -24.32
C ASN A 128 6.24 12.13 -23.38
N LEU A 129 7.31 12.87 -23.12
CA LEU A 129 8.39 12.42 -22.25
C LEU A 129 7.89 11.94 -20.89
N MET A 130 7.02 12.74 -20.27
CA MET A 130 6.49 12.41 -18.95
C MET A 130 5.82 11.04 -18.92
N ILE A 131 5.09 10.71 -19.98
CA ILE A 131 4.40 9.42 -20.05
C ILE A 131 5.42 8.32 -20.34
N ALA A 132 6.36 8.63 -21.23
CA ALA A 132 7.39 7.69 -21.61
C ALA A 132 8.30 7.31 -20.44
N GLN A 133 8.68 8.29 -19.63
CA GLN A 133 9.56 8.03 -18.49
C GLN A 133 8.78 7.69 -17.22
N GLY A 134 7.54 8.15 -17.12
CA GLY A 134 6.73 7.88 -15.94
C GLY A 134 6.26 6.44 -15.88
N VAL A 135 5.75 5.94 -17.00
CA VAL A 135 5.26 4.57 -17.06
C VAL A 135 6.41 3.59 -16.77
N THR A 136 6.12 2.53 -16.04
CA THR A 136 7.16 1.55 -15.70
C THR A 136 7.12 0.30 -16.60
N THR A 137 5.96 0.02 -17.18
CA THR A 137 5.80 -1.13 -18.06
C THR A 137 4.84 -0.81 -19.19
N ILE A 138 5.23 -1.16 -20.42
CA ILE A 138 4.36 -0.91 -21.56
C ILE A 138 3.97 -2.23 -22.23
N ILE A 139 2.69 -2.33 -22.57
CA ILE A 139 2.12 -3.49 -23.23
C ILE A 139 1.25 -2.97 -24.36
N ASP A 140 1.76 -3.02 -25.59
CA ASP A 140 1.02 -2.51 -26.74
C ASP A 140 -0.40 -3.04 -26.80
N GLY A 141 -1.36 -2.13 -26.77
CA GLY A 141 -2.76 -2.54 -26.80
C GLY A 141 -3.21 -3.06 -28.16
N ASN A 142 -2.52 -2.65 -29.22
CA ASN A 142 -2.87 -3.08 -30.57
C ASN A 142 -2.22 -4.40 -30.97
N THR A 143 -1.11 -4.74 -30.33
CA THR A 143 -0.40 -5.97 -30.67
C THR A 143 -0.13 -6.93 -29.51
N GLU A 144 -0.32 -6.45 -28.28
CA GLU A 144 -0.05 -7.28 -27.10
C GLU A 144 -1.16 -7.23 -26.05
N PHE A 145 -2.30 -6.71 -26.43
CA PHE A 145 -3.42 -6.58 -25.50
C PHE A 145 -3.63 -7.82 -24.64
N GLU A 146 -3.50 -9.00 -25.25
CA GLU A 146 -3.70 -10.26 -24.56
C GLU A 146 -2.72 -10.55 -23.42
N LYS A 147 -1.57 -9.89 -23.40
CA LYS A 147 -0.60 -10.12 -22.35
C LYS A 147 -1.13 -9.76 -20.95
N LEU A 148 -2.24 -9.03 -20.91
CA LEU A 148 -2.82 -8.63 -19.64
C LEU A 148 -3.37 -9.80 -18.85
N ALA A 149 -3.70 -10.87 -19.56
CA ALA A 149 -4.25 -12.04 -18.88
C ALA A 149 -3.14 -12.90 -18.26
N ASP A 150 -1.90 -12.65 -18.67
CA ASP A 150 -0.77 -13.44 -18.18
C ASP A 150 0.26 -12.64 -17.37
N TYR A 151 0.28 -11.32 -17.55
CA TYR A 151 1.22 -10.48 -16.82
C TYR A 151 1.18 -10.77 -15.33
N ASN A 152 2.35 -10.77 -14.70
CA ASN A 152 2.44 -11.03 -13.27
C ASN A 152 2.32 -9.72 -12.49
N PHE A 153 1.10 -9.41 -12.08
CA PHE A 153 0.84 -8.18 -11.33
C PHE A 153 1.30 -8.24 -9.86
N ASN A 154 1.80 -9.39 -9.44
CA ASN A 154 2.28 -9.50 -8.07
C ASN A 154 3.61 -8.77 -7.95
N GLU A 155 4.35 -8.69 -9.06
CA GLU A 155 5.65 -8.03 -9.04
C GLU A 155 5.81 -6.97 -10.12
N CYS A 156 4.84 -6.89 -11.02
CA CYS A 156 4.86 -5.90 -12.10
C CYS A 156 6.24 -5.65 -12.69
N PRO A 157 6.80 -6.65 -13.38
CA PRO A 157 8.12 -6.55 -14.01
C PRO A 157 8.23 -5.31 -14.91
N SER A 158 9.33 -4.56 -14.78
CA SER A 158 9.54 -3.37 -15.58
C SER A 158 9.76 -3.65 -17.08
N ASN A 159 9.37 -2.68 -17.89
CA ASN A 159 9.54 -2.77 -19.34
C ASN A 159 9.47 -1.35 -19.87
N PRO A 160 10.60 -0.63 -19.77
CA PRO A 160 10.72 0.76 -20.22
C PRO A 160 10.16 0.99 -21.62
N VAL A 161 9.67 2.21 -21.83
CA VAL A 161 9.12 2.59 -23.13
C VAL A 161 10.27 2.87 -24.08
N ARG A 162 10.21 2.24 -25.25
CA ARG A 162 11.23 2.40 -26.28
C ARG A 162 10.58 2.39 -27.67
N GLY A 163 11.29 2.90 -28.66
CA GLY A 163 10.77 2.92 -30.01
C GLY A 163 9.76 4.03 -30.24
N TYR A 164 9.62 4.92 -29.26
CA TYR A 164 8.69 6.04 -29.35
C TYR A 164 9.48 7.33 -29.41
N GLY A 165 9.22 8.12 -30.44
CA GLY A 165 9.90 9.39 -30.55
C GLY A 165 9.41 10.26 -29.41
N ILE A 166 10.31 10.97 -28.75
CA ILE A 166 9.96 11.83 -27.63
C ILE A 166 9.89 13.28 -28.10
N TYR A 167 8.72 13.90 -27.95
CA TYR A 167 8.52 15.28 -28.37
C TYR A 167 9.36 16.27 -27.56
N MET B 1 -14.53 -3.82 -9.51
CA MET B 1 -15.45 -4.99 -9.67
C MET B 1 -15.22 -6.04 -8.57
N LYS B 2 -16.01 -7.11 -8.61
CA LYS B 2 -15.91 -8.18 -7.61
C LYS B 2 -14.48 -8.66 -7.42
N ALA B 3 -14.04 -8.70 -6.16
CA ALA B 3 -12.68 -9.14 -5.84
C ALA B 3 -12.60 -10.66 -5.70
N VAL B 4 -11.48 -11.22 -6.17
CA VAL B 4 -11.26 -12.67 -6.10
C VAL B 4 -11.06 -13.07 -4.65
N VAL B 5 -10.44 -12.19 -3.88
CA VAL B 5 -10.20 -12.42 -2.46
C VAL B 5 -10.37 -11.12 -1.69
N PRO B 6 -10.76 -11.19 -0.41
CA PRO B 6 -10.93 -9.98 0.40
C PRO B 6 -9.63 -9.19 0.32
N THR B 7 -9.71 -7.87 0.10
CA THR B 7 -8.50 -7.06 0.02
C THR B 7 -8.49 -5.91 1.03
N GLY B 8 -9.64 -5.67 1.66
CA GLY B 8 -9.72 -4.60 2.62
C GLY B 8 -8.90 -4.82 3.88
N LYS B 9 -7.95 -3.93 4.14
CA LYS B 9 -7.15 -4.03 5.36
C LYS B 9 -7.45 -2.76 6.14
N ILE B 10 -8.21 -2.95 7.20
CA ILE B 10 -8.69 -1.88 8.06
C ILE B 10 -7.84 -1.49 9.25
N TYR B 11 -7.62 -0.19 9.39
CA TYR B 11 -6.93 0.34 10.55
C TYR B 11 -8.12 0.87 11.34
N LEU B 12 -8.49 0.15 12.38
CA LEU B 12 -9.64 0.55 13.20
C LEU B 12 -9.18 1.49 14.30
N GLY B 13 -9.28 2.79 14.04
CA GLY B 13 -8.85 3.78 15.03
C GLY B 13 -9.95 4.07 16.03
N SER B 14 -9.58 4.33 17.28
CA SER B 14 -10.59 4.59 18.30
C SER B 14 -10.06 4.92 19.67
N PRO B 15 -10.78 5.80 20.41
CA PRO B 15 -10.34 6.15 21.77
C PRO B 15 -10.56 4.81 22.47
N PHE B 16 -10.11 4.67 23.71
CA PHE B 16 -10.26 3.40 24.40
C PHE B 16 -9.89 3.55 25.87
N TYR B 17 -10.50 4.53 26.46
CA TYR B 17 -10.38 4.77 27.89
C TYR B 17 -11.81 4.64 28.55
N SER B 18 -12.96 5.12 27.94
CA SER B 18 -14.35 5.00 28.49
C SER B 18 -14.97 3.66 28.12
N ASP B 19 -15.91 3.21 28.96
CA ASP B 19 -16.61 1.93 28.73
C ASP B 19 -17.37 1.96 27.40
N ALA B 20 -18.00 3.09 27.10
CA ALA B 20 -18.76 3.23 25.87
C ALA B 20 -17.86 3.13 24.63
N GLN B 21 -16.66 3.71 24.72
CA GLN B 21 -15.73 3.65 23.59
C GLN B 21 -15.31 2.21 23.31
N ARG B 22 -14.94 1.49 24.37
CA ARG B 22 -14.51 0.10 24.18
C ARG B 22 -15.64 -0.82 23.73
N GLU B 23 -16.87 -0.49 24.08
CA GLU B 23 -18.00 -1.30 23.68
C GLU B 23 -18.24 -1.12 22.18
N ARG B 24 -18.03 0.11 21.69
CA ARG B 24 -18.20 0.39 20.27
C ARG B 24 -17.13 -0.39 19.50
N ALA B 25 -15.91 -0.37 20.04
CA ALA B 25 -14.79 -1.06 19.41
C ALA B 25 -15.12 -2.54 19.31
N ALA B 26 -15.55 -3.10 20.44
CA ALA B 26 -15.94 -4.51 20.45
C ALA B 26 -16.97 -4.81 19.36
N LYS B 27 -18.02 -3.98 19.35
CA LYS B 27 -19.09 -4.12 18.37
C LYS B 27 -18.56 -3.95 16.94
N ALA B 28 -17.67 -2.97 16.76
CA ALA B 28 -17.10 -2.72 15.45
C ALA B 28 -16.39 -3.95 14.92
N LYS B 29 -15.60 -4.58 15.79
CA LYS B 29 -14.87 -5.79 15.43
C LYS B 29 -15.82 -6.89 14.97
N GLU B 30 -16.89 -7.08 15.72
CA GLU B 30 -17.89 -8.09 15.40
C GLU B 30 -18.50 -7.84 14.03
N LEU B 31 -18.88 -6.60 13.77
CA LEU B 31 -19.47 -6.25 12.48
C LEU B 31 -18.45 -6.45 11.36
N LEU B 32 -17.25 -5.91 11.55
CA LEU B 32 -16.20 -6.04 10.55
C LEU B 32 -15.90 -7.51 10.28
N ALA B 33 -15.99 -8.33 11.32
CA ALA B 33 -15.74 -9.76 11.19
C ALA B 33 -16.71 -10.41 10.22
N LYS B 34 -17.90 -9.83 10.08
CA LYS B 34 -18.91 -10.39 9.18
C LYS B 34 -18.83 -9.85 7.76
N ASN B 35 -17.89 -8.97 7.50
CA ASN B 35 -17.75 -8.40 6.15
C ASN B 35 -16.79 -9.21 5.30
N PRO B 36 -17.32 -9.85 4.24
CA PRO B 36 -16.57 -10.68 3.30
C PRO B 36 -15.51 -9.94 2.49
N SER B 37 -15.55 -8.61 2.53
CA SER B 37 -14.58 -7.82 1.77
C SER B 37 -13.32 -7.53 2.59
N ILE B 38 -13.31 -7.94 3.85
CA ILE B 38 -12.18 -7.65 4.72
C ILE B 38 -11.16 -8.77 4.86
N ALA B 39 -9.91 -8.45 4.59
CA ALA B 39 -8.85 -9.43 4.69
C ALA B 39 -8.18 -9.35 6.06
N HIS B 40 -8.19 -8.17 6.66
CA HIS B 40 -7.55 -7.99 7.96
C HIS B 40 -7.99 -6.72 8.66
N VAL B 41 -7.98 -6.76 9.99
CA VAL B 41 -8.34 -5.61 10.81
C VAL B 41 -7.30 -5.44 11.91
N PHE B 42 -6.79 -4.22 12.06
CA PHE B 42 -5.80 -3.92 13.09
C PHE B 42 -6.40 -2.94 14.09
N PHE B 43 -6.38 -3.31 15.37
CA PHE B 43 -6.89 -2.46 16.43
C PHE B 43 -5.68 -2.21 17.34
N PRO B 44 -5.20 -0.95 17.39
CA PRO B 44 -4.05 -0.52 18.19
C PRO B 44 -3.95 -1.00 19.63
N PHE B 45 -5.10 -1.18 20.28
CA PHE B 45 -5.10 -1.61 21.67
C PHE B 45 -5.14 -3.11 21.91
N ASP B 46 -5.13 -3.90 20.85
CA ASP B 46 -5.19 -5.35 20.99
C ASP B 46 -3.95 -6.01 21.60
N ASP B 47 -2.76 -5.64 21.14
CA ASP B 47 -1.56 -6.25 21.70
C ASP B 47 -0.81 -5.31 22.63
N GLY B 48 0.28 -4.75 22.14
CA GLY B 48 1.06 -3.85 22.98
C GLY B 48 2.50 -4.29 23.08
N PHE B 49 3.36 -3.32 23.38
CA PHE B 49 4.78 -3.57 23.51
C PHE B 49 5.14 -3.55 24.98
N THR B 50 6.10 -4.39 25.36
CA THR B 50 6.55 -4.42 26.74
C THR B 50 8.03 -4.07 26.77
N ASP B 51 8.38 -3.00 27.48
CA ASP B 51 9.77 -2.59 27.60
C ASP B 51 10.32 -3.24 28.87
N PRO B 52 11.21 -4.24 28.72
CA PRO B 52 11.81 -4.95 29.85
C PRO B 52 12.52 -4.02 30.82
N ASP B 53 13.09 -2.93 30.28
CA ASP B 53 13.82 -1.97 31.09
C ASP B 53 12.88 -1.00 31.79
N GLU B 54 11.58 -1.14 31.52
CA GLU B 54 10.59 -0.26 32.13
C GLU B 54 10.01 -0.89 33.40
N LYS B 55 10.45 -0.37 34.55
CA LYS B 55 10.01 -0.87 35.83
C LYS B 55 8.67 -0.31 36.26
N ASN B 56 7.76 -1.20 36.64
CA ASN B 56 6.42 -0.82 37.10
C ASN B 56 5.72 0.22 36.21
N PRO B 57 5.44 -0.15 34.95
CA PRO B 57 4.77 0.75 34.00
C PRO B 57 3.31 0.97 34.39
N GLU B 58 2.89 2.24 34.45
CA GLU B 58 1.52 2.56 34.79
C GLU B 58 0.88 3.31 33.63
N ILE B 59 -0.42 3.11 33.43
CA ILE B 59 -1.14 3.78 32.36
C ILE B 59 -1.42 5.23 32.74
N GLY B 60 -1.10 6.16 31.84
CA GLY B 60 -1.30 7.56 32.15
C GLY B 60 -0.09 8.08 32.89
N GLY B 61 0.82 7.18 33.23
CA GLY B 61 2.03 7.58 33.92
C GLY B 61 3.14 7.86 32.93
N ILE B 62 4.29 8.29 33.44
CA ILE B 62 5.44 8.56 32.58
C ILE B 62 5.91 7.24 31.99
N ARG B 63 5.86 7.09 30.66
CA ARG B 63 6.29 5.86 30.02
C ARG B 63 7.70 6.02 29.45
N SER B 64 8.40 4.89 29.30
CA SER B 64 9.77 4.93 28.77
C SER B 64 9.74 5.37 27.31
N MET B 65 10.82 5.98 26.86
CA MET B 65 10.90 6.43 25.47
C MET B 65 10.81 5.21 24.56
N VAL B 66 11.42 4.10 24.96
CA VAL B 66 11.37 2.89 24.14
C VAL B 66 9.94 2.42 23.96
N TRP B 67 9.18 2.34 25.05
CA TRP B 67 7.79 1.90 24.95
C TRP B 67 7.00 2.85 24.05
N ARG B 68 7.21 4.15 24.24
CA ARG B 68 6.53 5.16 23.46
C ARG B 68 6.82 5.00 21.97
N ASP B 69 8.09 4.87 21.61
CA ASP B 69 8.45 4.72 20.21
C ASP B 69 7.87 3.44 19.64
N ALA B 70 8.03 2.34 20.37
CA ALA B 70 7.53 1.05 19.89
C ALA B 70 6.03 1.07 19.64
N THR B 71 5.28 1.59 20.62
CA THR B 71 3.83 1.64 20.53
C THR B 71 3.33 2.57 19.42
N TYR B 72 3.93 3.75 19.34
CA TYR B 72 3.57 4.72 18.31
C TYR B 72 3.85 4.10 16.95
N GLN B 73 5.00 3.46 16.79
CA GLN B 73 5.36 2.83 15.54
C GLN B 73 4.39 1.69 15.17
N ASN B 74 3.92 0.95 16.18
CA ASN B 74 2.97 -0.11 15.89
C ASN B 74 1.73 0.46 15.23
N ASP B 75 1.34 1.67 15.64
CA ASP B 75 0.16 2.30 15.06
C ASP B 75 0.44 2.81 13.65
N LEU B 76 1.61 3.44 13.46
CA LEU B 76 1.97 3.93 12.14
C LEU B 76 2.10 2.73 11.21
N THR B 77 2.62 1.63 11.75
CA THR B 77 2.76 0.41 10.96
C THR B 77 1.38 -0.08 10.55
N GLY B 78 0.44 -0.05 11.49
CA GLY B 78 -0.91 -0.48 11.19
C GLY B 78 -1.51 0.41 10.12
N ILE B 79 -1.20 1.69 10.20
CA ILE B 79 -1.72 2.65 9.22
C ILE B 79 -1.12 2.37 7.85
N SER B 80 0.18 2.06 7.84
CA SER B 80 0.90 1.78 6.60
C SER B 80 0.37 0.53 5.89
N ASN B 81 0.18 -0.55 6.65
CA ASN B 81 -0.32 -1.81 6.10
C ASN B 81 -1.79 -1.72 5.67
N ALA B 82 -2.54 -0.84 6.32
CA ALA B 82 -3.95 -0.68 6.01
C ALA B 82 -4.27 -0.07 4.65
N THR B 83 -5.40 -0.46 4.08
CA THR B 83 -5.83 0.12 2.82
C THR B 83 -6.79 1.26 3.16
N CYS B 84 -7.42 1.18 4.33
CA CYS B 84 -8.35 2.22 4.73
C CYS B 84 -8.44 2.33 6.24
N GLY B 85 -8.99 3.45 6.69
CA GLY B 85 -9.15 3.67 8.11
C GLY B 85 -10.62 3.72 8.47
N VAL B 86 -10.95 3.16 9.63
CA VAL B 86 -12.31 3.19 10.12
C VAL B 86 -12.18 3.75 11.53
N PHE B 87 -12.69 4.95 11.73
CA PHE B 87 -12.59 5.57 13.03
C PHE B 87 -13.90 5.68 13.79
N LEU B 88 -13.94 5.03 14.95
CA LEU B 88 -15.07 5.03 15.85
C LEU B 88 -14.82 6.37 16.52
N TYR B 89 -15.34 7.42 15.89
CA TYR B 89 -15.11 8.78 16.32
C TYR B 89 -16.08 9.34 17.34
N ASP B 90 -15.60 9.48 18.57
CA ASP B 90 -16.41 10.00 19.67
C ASP B 90 -16.64 11.51 19.47
N MET B 91 -17.86 11.89 19.12
CA MET B 91 -18.19 13.30 18.90
C MET B 91 -18.38 14.09 20.19
N ASP B 92 -18.47 13.41 21.33
CA ASP B 92 -18.67 14.09 22.61
C ASP B 92 -17.34 14.44 23.29
N GLN B 93 -16.39 13.52 23.22
CA GLN B 93 -15.07 13.76 23.81
C GLN B 93 -14.07 13.54 22.68
N LEU B 94 -13.77 14.61 21.95
CA LEU B 94 -12.85 14.54 20.82
C LEU B 94 -11.52 13.92 21.18
N ASP B 95 -11.10 12.94 20.38
CA ASP B 95 -9.85 12.27 20.62
C ASP B 95 -8.80 12.76 19.63
N ASP B 96 -7.77 13.45 20.13
CA ASP B 96 -6.74 13.95 19.24
C ASP B 96 -5.86 12.87 18.62
N GLY B 97 -5.78 11.71 19.27
CA GLY B 97 -4.97 10.63 18.74
C GLY B 97 -5.61 10.13 17.45
N SER B 98 -6.92 9.95 17.47
CA SER B 98 -7.67 9.50 16.29
C SER B 98 -7.61 10.57 15.21
N ALA B 99 -7.75 11.83 15.60
CA ALA B 99 -7.70 12.93 14.63
C ALA B 99 -6.34 12.98 13.97
N PHE B 100 -5.30 12.82 14.77
CA PHE B 100 -3.93 12.81 14.27
C PHE B 100 -3.83 11.69 13.23
N GLU B 101 -4.39 10.53 13.55
CA GLU B 101 -4.34 9.39 12.66
C GLU B 101 -5.12 9.61 11.37
N ILE B 102 -6.28 10.26 11.47
CA ILE B 102 -7.07 10.53 10.29
C ILE B 102 -6.24 11.43 9.37
N GLY B 103 -5.62 12.46 9.95
CA GLY B 103 -4.80 13.36 9.17
C GLY B 103 -3.63 12.63 8.52
N PHE B 104 -2.96 11.77 9.29
CA PHE B 104 -1.83 11.00 8.80
C PHE B 104 -2.26 10.15 7.59
N MET B 105 -3.37 9.44 7.75
CA MET B 105 -3.88 8.58 6.68
C MET B 105 -4.27 9.34 5.42
N ARG B 106 -4.90 10.50 5.59
CA ARG B 106 -5.29 11.28 4.44
C ARG B 106 -4.07 11.83 3.74
N ALA B 107 -3.05 12.21 4.50
CA ALA B 107 -1.82 12.71 3.86
C ALA B 107 -1.27 11.58 2.98
N MET B 108 -1.54 10.35 3.37
CA MET B 108 -1.08 9.19 2.60
C MET B 108 -2.07 8.87 1.46
N HIS B 109 -3.14 9.66 1.35
CA HIS B 109 -4.18 9.50 0.33
C HIS B 109 -5.07 8.28 0.53
N LYS B 110 -5.03 7.73 1.73
CA LYS B 110 -5.84 6.56 2.02
C LYS B 110 -7.27 6.93 2.40
N PRO B 111 -8.25 6.14 1.93
CA PRO B 111 -9.64 6.47 2.27
C PRO B 111 -9.82 6.35 3.78
N VAL B 112 -10.71 7.16 4.32
CA VAL B 112 -10.98 7.15 5.75
C VAL B 112 -12.48 7.14 6.00
N ILE B 113 -12.94 6.08 6.62
CA ILE B 113 -14.36 5.91 6.97
C ILE B 113 -14.57 6.47 8.37
N LEU B 114 -15.39 7.50 8.48
CA LEU B 114 -15.67 8.07 9.80
C LEU B 114 -16.96 7.45 10.31
N VAL B 115 -16.95 7.00 11.56
CA VAL B 115 -18.13 6.41 12.17
C VAL B 115 -18.36 7.19 13.46
N PRO B 116 -19.07 8.32 13.35
CA PRO B 116 -19.37 9.20 14.48
C PRO B 116 -20.37 8.62 15.47
N PHE B 117 -20.10 8.82 16.75
CA PHE B 117 -20.98 8.34 17.81
C PHE B 117 -21.18 9.50 18.74
N THR B 118 -22.42 9.66 19.20
CA THR B 118 -22.74 10.71 20.17
C THR B 118 -23.80 10.15 21.09
N GLU B 119 -23.78 10.57 22.35
CA GLU B 119 -24.76 10.13 23.33
C GLU B 119 -25.88 11.15 23.31
N HIS B 120 -25.77 12.13 22.41
CA HIS B 120 -26.77 13.18 22.27
C HIS B 120 -27.14 13.33 20.80
N PRO B 121 -27.80 12.30 20.23
CA PRO B 121 -28.25 12.25 18.83
C PRO B 121 -29.13 13.43 18.43
N GLU B 122 -29.77 14.04 19.42
CA GLU B 122 -30.66 15.16 19.16
C GLU B 122 -30.00 16.53 19.21
N LYS B 123 -28.78 16.59 19.73
CA LYS B 123 -28.08 17.87 19.81
C LYS B 123 -27.54 18.28 18.44
N GLU B 124 -27.05 19.51 18.37
CA GLU B 124 -26.52 20.05 17.12
C GLU B 124 -25.47 19.17 16.47
N LYS B 125 -25.48 19.15 15.14
CA LYS B 125 -24.50 18.38 14.38
C LYS B 125 -23.46 19.35 13.87
N LYS B 126 -22.29 19.31 14.48
CA LYS B 126 -21.20 20.19 14.08
C LYS B 126 -19.94 19.34 13.99
N MET B 127 -19.08 19.66 13.03
CA MET B 127 -17.85 18.91 12.86
C MET B 127 -16.72 19.84 12.41
N ASN B 128 -15.51 19.56 12.86
CA ASN B 128 -14.39 20.38 12.46
C ASN B 128 -14.21 20.23 10.95
N LEU B 129 -13.92 21.33 10.27
CA LEU B 129 -13.71 21.32 8.82
C LEU B 129 -12.72 20.25 8.34
N MET B 130 -11.59 20.12 9.03
CA MET B 130 -10.56 19.16 8.62
C MET B 130 -11.07 17.73 8.66
N ILE B 131 -11.92 17.42 9.63
CA ILE B 131 -12.46 16.07 9.72
C ILE B 131 -13.57 15.93 8.66
N ALA B 132 -14.44 16.93 8.57
CA ALA B 132 -15.54 16.91 7.62
C ALA B 132 -15.07 16.77 6.18
N GLN B 133 -13.94 17.39 5.86
CA GLN B 133 -13.40 17.36 4.51
C GLN B 133 -12.37 16.26 4.35
N GLY B 134 -11.68 15.93 5.44
CA GLY B 134 -10.67 14.90 5.39
C GLY B 134 -11.26 13.52 5.17
N VAL B 135 -12.33 13.17 5.86
CA VAL B 135 -12.91 11.83 5.68
C VAL B 135 -13.55 11.67 4.31
N THR B 136 -13.44 10.45 3.77
CA THR B 136 -13.97 10.16 2.45
C THR B 136 -15.35 9.49 2.49
N THR B 137 -15.63 8.78 3.58
CA THR B 137 -16.91 8.11 3.72
C THR B 137 -17.38 8.18 5.16
N ILE B 138 -18.62 8.60 5.36
CA ILE B 138 -19.18 8.66 6.70
C ILE B 138 -20.30 7.62 6.83
N ILE B 139 -20.27 6.90 7.95
CA ILE B 139 -21.28 5.89 8.25
C ILE B 139 -21.66 6.23 9.68
N ASP B 140 -22.84 6.80 9.86
CA ASP B 140 -23.29 7.19 11.19
C ASP B 140 -23.22 6.02 12.15
N GLY B 141 -22.54 6.23 13.27
CA GLY B 141 -22.41 5.16 14.24
C GLY B 141 -23.71 4.92 14.98
N ASN B 142 -24.45 5.99 15.22
CA ASN B 142 -25.71 5.90 15.93
C ASN B 142 -26.81 5.15 15.21
N THR B 143 -26.90 5.31 13.89
CA THR B 143 -27.96 4.66 13.14
C THR B 143 -27.56 3.76 11.98
N GLU B 144 -26.28 3.75 11.63
CA GLU B 144 -25.84 2.93 10.52
C GLU B 144 -24.63 2.10 10.86
N PHE B 145 -24.36 1.94 12.15
CA PHE B 145 -23.21 1.18 12.60
C PHE B 145 -23.08 -0.11 11.79
N GLU B 146 -24.18 -0.86 11.76
CA GLU B 146 -24.24 -2.15 11.08
C GLU B 146 -23.82 -2.24 9.62
N LYS B 147 -23.75 -1.14 8.88
CA LYS B 147 -23.33 -1.33 7.50
C LYS B 147 -21.84 -1.65 7.37
N LEU B 148 -21.11 -1.57 8.47
CA LEU B 148 -19.69 -1.92 8.43
C LEU B 148 -19.60 -3.40 8.04
N ALA B 149 -20.66 -4.14 8.35
CA ALA B 149 -20.73 -5.56 8.04
C ALA B 149 -20.90 -5.82 6.54
N ASP B 150 -21.39 -4.82 5.80
CA ASP B 150 -21.63 -4.98 4.37
C ASP B 150 -20.88 -4.02 3.44
N TYR B 151 -20.35 -2.93 3.99
CA TYR B 151 -19.62 -1.95 3.19
C TYR B 151 -18.55 -2.66 2.37
N ASN B 152 -18.39 -2.26 1.11
CA ASN B 152 -17.38 -2.88 0.25
C ASN B 152 -16.00 -2.29 0.47
N PHE B 153 -15.26 -2.86 1.43
CA PHE B 153 -13.93 -2.38 1.74
C PHE B 153 -12.87 -2.67 0.69
N ASN B 154 -13.27 -3.32 -0.40
CA ASN B 154 -12.34 -3.57 -1.48
C ASN B 154 -12.18 -2.29 -2.28
N GLU B 155 -13.23 -1.47 -2.27
CA GLU B 155 -13.20 -0.22 -3.05
C GLU B 155 -13.55 1.03 -2.24
N CYS B 156 -14.08 0.84 -1.03
CA CYS B 156 -14.45 1.96 -0.16
C CYS B 156 -15.15 3.10 -0.89
N PRO B 157 -16.39 2.85 -1.37
CA PRO B 157 -17.17 3.86 -2.09
C PRO B 157 -17.26 5.11 -1.24
N SER B 158 -17.05 6.27 -1.86
CA SER B 158 -17.09 7.54 -1.15
C SER B 158 -18.49 7.97 -0.72
N ASN B 159 -18.55 8.68 0.40
CA ASN B 159 -19.81 9.20 0.90
C ASN B 159 -19.47 10.44 1.72
N PRO B 160 -19.33 11.59 1.05
CA PRO B 160 -18.99 12.86 1.68
C PRO B 160 -19.84 13.21 2.91
N VAL B 161 -19.19 13.84 3.89
CA VAL B 161 -19.87 14.28 5.09
C VAL B 161 -20.80 15.42 4.70
N ARG B 162 -22.05 15.31 5.12
CA ARG B 162 -23.03 16.35 4.81
C ARG B 162 -24.03 16.38 5.95
N GLY B 163 -24.62 17.56 6.19
CA GLY B 163 -25.58 17.65 7.27
C GLY B 163 -24.98 18.13 8.57
N TYR B 164 -23.68 18.41 8.56
CA TYR B 164 -22.98 18.88 9.75
C TYR B 164 -22.57 20.33 9.56
N GLY B 165 -22.78 21.14 10.59
CA GLY B 165 -22.37 22.54 10.51
C GLY B 165 -20.84 22.57 10.63
N ILE B 166 -20.20 23.51 9.95
CA ILE B 166 -18.75 23.61 9.99
C ILE B 166 -18.34 24.89 10.73
N TYR B 167 -17.49 24.75 11.73
CA TYR B 167 -17.02 25.90 12.50
C TYR B 167 -15.55 26.20 12.24
N MET C 1 -5.76 -7.99 14.40
CA MET C 1 -6.50 -9.25 14.72
C MET C 1 -6.10 -10.31 13.70
N LYS C 2 -6.65 -11.52 13.84
CA LYS C 2 -6.32 -12.60 12.92
C LYS C 2 -6.76 -12.19 11.52
N ALA C 3 -5.89 -12.42 10.55
CA ALA C 3 -6.18 -12.07 9.16
C ALA C 3 -7.04 -13.17 8.53
N VAL C 4 -7.89 -12.80 7.57
CA VAL C 4 -8.74 -13.77 6.90
C VAL C 4 -7.93 -14.51 5.85
N VAL C 5 -6.93 -13.82 5.31
CA VAL C 5 -6.03 -14.38 4.31
C VAL C 5 -4.67 -13.72 4.54
N PRO C 6 -3.57 -14.36 4.08
CA PRO C 6 -2.23 -13.81 4.25
C PRO C 6 -2.20 -12.38 3.73
N THR C 7 -1.58 -11.48 4.49
CA THR C 7 -1.51 -10.08 4.11
C THR C 7 -0.09 -9.55 3.94
N GLY C 8 0.87 -10.24 4.54
CA GLY C 8 2.25 -9.79 4.45
C GLY C 8 2.88 -9.85 3.08
N LYS C 9 3.34 -8.70 2.59
CA LYS C 9 4.01 -8.63 1.30
C LYS C 9 5.41 -8.13 1.64
N ILE C 10 6.35 -9.07 1.62
CA ILE C 10 7.75 -8.82 1.98
C ILE C 10 8.69 -8.39 0.87
N TYR C 11 9.45 -7.34 1.13
CA TYR C 11 10.46 -6.90 0.20
C TYR C 11 11.71 -7.43 0.91
N LEU C 12 12.31 -8.47 0.36
CA LEU C 12 13.49 -9.08 0.96
C LEU C 12 14.78 -8.43 0.46
N GLY C 13 15.26 -7.45 1.22
CA GLY C 13 16.46 -6.74 0.84
C GLY C 13 17.69 -7.42 1.39
N SER C 14 18.73 -7.52 0.55
CA SER C 14 19.95 -8.17 0.96
C SER C 14 21.07 -8.08 -0.05
N PRO C 15 22.32 -8.06 0.43
CA PRO C 15 23.48 -7.99 -0.46
C PRO C 15 23.57 -9.35 -1.15
N PHE C 16 24.33 -9.45 -2.23
CA PHE C 16 24.44 -10.73 -2.91
C PHE C 16 25.87 -11.00 -3.43
N TYR C 17 26.00 -12.02 -4.28
CA TYR C 17 27.30 -12.38 -4.84
C TYR C 17 28.19 -13.06 -3.80
N SER C 18 28.20 -12.52 -2.58
CA SER C 18 29.11 -13.00 -1.55
C SER C 18 28.55 -14.32 -1.04
N ASP C 19 29.45 -15.29 -0.83
CA ASP C 19 29.08 -16.62 -0.37
C ASP C 19 28.09 -16.65 0.79
N ALA C 20 28.49 -16.09 1.92
CA ALA C 20 27.66 -16.08 3.12
C ALA C 20 26.34 -15.32 2.93
N GLN C 21 26.38 -14.28 2.13
CA GLN C 21 25.20 -13.46 1.88
C GLN C 21 24.16 -14.20 1.06
N ARG C 22 24.61 -15.02 0.11
CA ARG C 22 23.67 -15.77 -0.72
C ARG C 22 22.98 -16.82 0.15
N GLU C 23 23.78 -17.45 1.01
CA GLU C 23 23.29 -18.47 1.93
C GLU C 23 22.21 -17.89 2.83
N ARG C 24 22.47 -16.70 3.36
CA ARG C 24 21.50 -16.03 4.24
C ARG C 24 20.20 -15.83 3.47
N ALA C 25 20.32 -15.30 2.27
CA ALA C 25 19.17 -15.04 1.41
C ALA C 25 18.39 -16.33 1.19
N ALA C 26 19.09 -17.40 0.82
CA ALA C 26 18.47 -18.68 0.57
C ALA C 26 17.70 -19.19 1.79
N LYS C 27 18.33 -19.09 2.96
CA LYS C 27 17.71 -19.54 4.20
C LYS C 27 16.51 -18.67 4.57
N ALA C 28 16.62 -17.37 4.30
CA ALA C 28 15.54 -16.44 4.60
C ALA C 28 14.27 -16.86 3.86
N LYS C 29 14.43 -17.16 2.57
CA LYS C 29 13.30 -17.57 1.76
C LYS C 29 12.59 -18.78 2.35
N GLU C 30 13.37 -19.80 2.70
CA GLU C 30 12.81 -21.02 3.29
C GLU C 30 11.98 -20.64 4.52
N LEU C 31 12.60 -19.90 5.43
CA LEU C 31 11.94 -19.47 6.66
C LEU C 31 10.63 -18.72 6.37
N LEU C 32 10.70 -17.74 5.48
CA LEU C 32 9.55 -16.94 5.13
C LEU C 32 8.44 -17.77 4.49
N ALA C 33 8.83 -18.68 3.60
CA ALA C 33 7.87 -19.56 2.94
C ALA C 33 7.11 -20.38 3.97
N LYS C 34 7.67 -20.49 5.16
CA LYS C 34 7.02 -21.24 6.23
C LYS C 34 6.11 -20.35 7.07
N ASN C 35 6.07 -19.06 6.74
CA ASN C 35 5.26 -18.13 7.51
C ASN C 35 3.86 -17.94 6.93
N PRO C 36 2.81 -18.38 7.67
CA PRO C 36 1.40 -18.30 7.30
C PRO C 36 0.85 -16.88 7.11
N SER C 37 1.56 -15.88 7.61
CA SER C 37 1.10 -14.50 7.50
C SER C 37 1.55 -13.85 6.21
N ILE C 38 2.44 -14.53 5.49
CA ILE C 38 2.98 -14.02 4.26
C ILE C 38 2.15 -14.36 3.03
N ALA C 39 1.84 -13.35 2.23
CA ALA C 39 1.07 -13.57 1.02
C ALA C 39 2.03 -13.55 -0.15
N HIS C 40 3.12 -12.83 -0.01
CA HIS C 40 4.09 -12.74 -1.10
C HIS C 40 5.44 -12.23 -0.63
N VAL C 41 6.49 -12.77 -1.25
CA VAL C 41 7.85 -12.37 -0.95
C VAL C 41 8.56 -11.99 -2.24
N PHE C 42 9.15 -10.80 -2.27
CA PHE C 42 9.88 -10.34 -3.43
C PHE C 42 11.36 -10.24 -3.09
N PHE C 43 12.19 -10.91 -3.87
CA PHE C 43 13.63 -10.88 -3.69
C PHE C 43 14.20 -10.31 -4.98
N PRO C 44 14.83 -9.14 -4.90
CA PRO C 44 15.43 -8.45 -6.04
C PRO C 44 16.39 -9.20 -6.94
N PHE C 45 17.13 -10.17 -6.41
CA PHE C 45 18.08 -10.90 -7.23
C PHE C 45 17.55 -12.14 -7.94
N ASP C 46 16.32 -12.55 -7.64
CA ASP C 46 15.77 -13.73 -8.28
C ASP C 46 15.78 -13.61 -9.80
N ASP C 47 14.75 -12.97 -10.34
CA ASP C 47 14.65 -12.79 -11.77
C ASP C 47 15.23 -11.44 -12.12
N GLY C 48 15.60 -11.25 -13.39
CA GLY C 48 16.17 -9.98 -13.80
C GLY C 48 15.66 -9.51 -15.15
N PHE C 49 15.94 -8.25 -15.45
CA PHE C 49 15.53 -7.65 -16.72
C PHE C 49 16.65 -7.86 -17.74
N THR C 50 16.26 -8.25 -18.94
CA THR C 50 17.23 -8.47 -20.00
C THR C 50 17.06 -7.42 -21.07
N ASP C 51 18.10 -6.61 -21.29
CA ASP C 51 18.05 -5.57 -22.31
C ASP C 51 18.57 -6.16 -23.62
N PRO C 52 17.65 -6.52 -24.52
CA PRO C 52 17.99 -7.10 -25.83
C PRO C 52 19.00 -6.25 -26.58
N ASP C 53 19.04 -4.96 -26.22
CA ASP C 53 19.94 -4.01 -26.86
C ASP C 53 21.25 -3.92 -26.08
N GLU C 54 21.53 -4.93 -25.26
CA GLU C 54 22.76 -4.94 -24.46
C GLU C 54 23.63 -6.10 -24.93
N LYS C 55 24.63 -5.78 -25.75
CA LYS C 55 25.55 -6.78 -26.30
C LYS C 55 26.00 -7.84 -25.31
N ASN C 56 27.11 -7.59 -24.62
CA ASN C 56 27.64 -8.54 -23.65
C ASN C 56 27.48 -8.05 -22.21
N PRO C 57 26.32 -8.33 -21.60
CA PRO C 57 26.03 -7.93 -20.22
C PRO C 57 27.15 -8.28 -19.26
N GLU C 58 27.79 -7.26 -18.69
CA GLU C 58 28.88 -7.48 -17.75
C GLU C 58 28.41 -7.28 -16.31
N ILE C 59 28.16 -8.39 -15.62
CA ILE C 59 27.72 -8.32 -14.23
C ILE C 59 28.84 -7.71 -13.40
N GLY C 60 28.73 -6.41 -13.13
CA GLY C 60 29.76 -5.71 -12.39
C GLY C 60 30.40 -4.71 -13.34
N GLY C 61 29.99 -4.79 -14.60
CA GLY C 61 30.50 -3.90 -15.62
C GLY C 61 29.64 -2.66 -15.72
N ILE C 62 29.93 -1.80 -16.69
CA ILE C 62 29.19 -0.54 -16.87
C ILE C 62 27.66 -0.70 -16.84
N ARG C 63 27.12 -1.47 -17.77
CA ARG C 63 25.67 -1.73 -17.87
C ARG C 63 24.84 -0.56 -18.41
N SER C 64 23.95 -0.87 -19.34
CA SER C 64 23.11 0.13 -19.98
C SER C 64 22.12 0.80 -19.06
N MET C 65 21.75 2.04 -19.42
CA MET C 65 20.81 2.83 -18.64
C MET C 65 19.46 2.13 -18.60
N VAL C 66 19.09 1.50 -19.70
CA VAL C 66 17.82 0.79 -19.76
C VAL C 66 17.78 -0.32 -18.73
N TRP C 67 18.82 -1.15 -18.69
CA TRP C 67 18.89 -2.23 -17.71
C TRP C 67 18.89 -1.67 -16.29
N ARG C 68 19.71 -0.66 -16.06
CA ARG C 68 19.82 0.00 -14.76
C ARG C 68 18.45 0.51 -14.33
N ASP C 69 17.80 1.27 -15.21
CA ASP C 69 16.48 1.81 -14.92
C ASP C 69 15.49 0.71 -14.60
N ALA C 70 15.37 -0.25 -15.50
CA ALA C 70 14.44 -1.35 -15.35
C ALA C 70 14.68 -2.17 -14.08
N THR C 71 15.94 -2.42 -13.75
CA THR C 71 16.29 -3.20 -12.57
C THR C 71 15.99 -2.41 -11.30
N TYR C 72 16.44 -1.16 -11.27
CA TYR C 72 16.20 -0.26 -10.13
C TYR C 72 14.69 -0.15 -9.92
N GLN C 73 13.95 0.03 -11.01
CA GLN C 73 12.50 0.16 -10.91
C GLN C 73 11.87 -1.13 -10.42
N ASN C 74 12.39 -2.28 -10.84
CA ASN C 74 11.82 -3.53 -10.37
C ASN C 74 11.90 -3.58 -8.85
N ASP C 75 12.98 -3.03 -8.32
CA ASP C 75 13.17 -3.01 -6.88
C ASP C 75 12.23 -1.99 -6.23
N LEU C 76 12.11 -0.81 -6.83
CA LEU C 76 11.22 0.22 -6.28
C LEU C 76 9.79 -0.30 -6.32
N THR C 77 9.45 -1.04 -7.38
CA THR C 77 8.11 -1.61 -7.51
C THR C 77 7.89 -2.64 -6.41
N GLY C 78 8.90 -3.46 -6.13
CA GLY C 78 8.77 -4.45 -5.08
C GLY C 78 8.57 -3.74 -3.75
N ILE C 79 9.29 -2.65 -3.57
CA ILE C 79 9.17 -1.86 -2.34
C ILE C 79 7.77 -1.25 -2.30
N SER C 80 7.29 -0.78 -3.43
CA SER C 80 5.97 -0.16 -3.51
C SER C 80 4.89 -1.17 -3.19
N ASN C 81 4.97 -2.35 -3.80
CA ASN C 81 3.98 -3.41 -3.57
C ASN C 81 4.04 -3.99 -2.17
N ALA C 82 5.24 -4.05 -1.61
CA ALA C 82 5.43 -4.62 -0.28
C ALA C 82 4.74 -3.86 0.85
N THR C 83 4.41 -4.57 1.91
CA THR C 83 3.81 -3.96 3.09
C THR C 83 4.96 -3.72 4.07
N CYS C 84 6.03 -4.49 3.93
CA CYS C 84 7.16 -4.34 4.83
C CYS C 84 8.45 -4.80 4.19
N GLY C 85 9.56 -4.41 4.80
CA GLY C 85 10.84 -4.82 4.30
C GLY C 85 11.60 -5.67 5.32
N VAL C 86 12.28 -6.69 4.82
CA VAL C 86 13.08 -7.56 5.67
C VAL C 86 14.48 -7.45 5.08
N PHE C 87 15.42 -6.94 5.85
CA PHE C 87 16.79 -6.76 5.37
C PHE C 87 17.84 -7.63 6.05
N LEU C 88 18.46 -8.52 5.28
CA LEU C 88 19.52 -9.40 5.79
C LEU C 88 20.71 -8.46 5.79
N TYR C 89 20.88 -7.76 6.92
CA TYR C 89 21.91 -6.76 7.06
C TYR C 89 23.30 -7.22 7.51
N ASP C 90 24.26 -7.08 6.61
CA ASP C 90 25.65 -7.48 6.85
C ASP C 90 26.37 -6.40 7.65
N MET C 91 26.68 -6.71 8.91
CA MET C 91 27.36 -5.77 9.79
C MET C 91 28.88 -5.74 9.60
N ASP C 92 29.41 -6.67 8.81
CA ASP C 92 30.86 -6.74 8.56
C ASP C 92 31.22 -5.97 7.30
N GLN C 93 30.42 -6.13 6.26
CA GLN C 93 30.63 -5.41 5.00
C GLN C 93 29.32 -4.70 4.70
N LEU C 94 29.21 -3.48 5.20
CA LEU C 94 28.00 -2.67 5.03
C LEU C 94 27.58 -2.52 3.57
N ASP C 95 26.29 -2.72 3.32
CA ASP C 95 25.77 -2.59 1.97
C ASP C 95 24.93 -1.33 1.83
N ASP C 96 25.44 -0.36 1.09
CA ASP C 96 24.71 0.90 0.90
C ASP C 96 23.42 0.74 0.10
N GLY C 97 23.35 -0.30 -0.73
CA GLY C 97 22.15 -0.52 -1.52
C GLY C 97 21.00 -0.84 -0.56
N SER C 98 21.27 -1.75 0.36
CA SER C 98 20.28 -2.15 1.35
C SER C 98 19.92 -0.97 2.25
N ALA C 99 20.93 -0.20 2.66
CA ALA C 99 20.70 0.96 3.53
C ALA C 99 19.83 1.97 2.78
N PHE C 100 20.06 2.09 1.48
CA PHE C 100 19.29 2.99 0.64
C PHE C 100 17.82 2.60 0.72
N GLU C 101 17.56 1.32 0.49
CA GLU C 101 16.21 0.78 0.50
C GLU C 101 15.54 0.95 1.85
N ILE C 102 16.30 0.82 2.93
CA ILE C 102 15.74 1.00 4.26
C ILE C 102 15.27 2.44 4.39
N GLY C 103 16.10 3.39 3.96
CA GLY C 103 15.73 4.79 4.03
C GLY C 103 14.50 5.09 3.17
N PHE C 104 14.48 4.53 1.97
CA PHE C 104 13.39 4.71 1.03
C PHE C 104 12.09 4.18 1.65
N MET C 105 12.15 2.99 2.23
CA MET C 105 10.96 2.39 2.83
C MET C 105 10.45 3.15 4.04
N ARG C 106 11.36 3.65 4.87
CA ARG C 106 10.93 4.40 6.03
C ARG C 106 10.30 5.72 5.62
N ALA C 107 10.77 6.29 4.52
CA ALA C 107 10.20 7.55 4.07
C ALA C 107 8.77 7.30 3.60
N MET C 108 8.48 6.05 3.22
CA MET C 108 7.14 5.68 2.77
C MET C 108 6.31 5.26 3.99
N HIS C 109 6.93 5.33 5.17
CA HIS C 109 6.30 4.95 6.43
C HIS C 109 6.05 3.46 6.57
N LYS C 110 6.76 2.67 5.78
CA LYS C 110 6.60 1.22 5.86
C LYS C 110 7.51 0.63 6.94
N PRO C 111 7.05 -0.42 7.61
CA PRO C 111 7.87 -1.05 8.65
C PRO C 111 9.11 -1.71 8.04
N VAL C 112 10.21 -1.70 8.79
CA VAL C 112 11.44 -2.32 8.31
C VAL C 112 11.99 -3.26 9.37
N ILE C 113 12.12 -4.53 9.00
CA ILE C 113 12.65 -5.56 9.89
C ILE C 113 14.14 -5.73 9.58
N LEU C 114 14.99 -5.38 10.53
CA LEU C 114 16.43 -5.52 10.33
C LEU C 114 16.86 -6.89 10.84
N VAL C 115 17.61 -7.63 10.01
CA VAL C 115 18.12 -8.95 10.40
C VAL C 115 19.64 -8.83 10.26
N PRO C 116 20.32 -8.32 11.30
CA PRO C 116 21.77 -8.13 11.31
C PRO C 116 22.57 -9.42 11.39
N PHE C 117 23.66 -9.45 10.64
CA PHE C 117 24.56 -10.61 10.58
C PHE C 117 26.00 -10.15 10.72
N THR C 118 26.77 -10.90 11.50
CA THR C 118 28.18 -10.61 11.70
C THR C 118 28.92 -11.93 11.84
N GLU C 119 30.13 -11.99 11.28
CA GLU C 119 30.95 -13.18 11.36
C GLU C 119 31.97 -12.97 12.48
N HIS C 120 31.90 -11.80 13.12
CA HIS C 120 32.80 -11.48 14.24
C HIS C 120 31.95 -11.09 15.43
N PRO C 121 31.23 -12.06 16.01
CA PRO C 121 30.36 -11.88 17.18
C PRO C 121 31.07 -11.31 18.38
N GLU C 122 32.40 -11.44 18.41
CA GLU C 122 33.18 -10.94 19.54
C GLU C 122 33.42 -9.44 19.45
N LYS C 123 33.38 -8.91 18.23
CA LYS C 123 33.62 -7.49 18.06
C LYS C 123 32.53 -6.60 18.65
N GLU C 124 32.91 -5.34 18.87
CA GLU C 124 32.03 -4.34 19.42
C GLU C 124 30.73 -4.25 18.62
N LYS C 125 29.62 -4.08 19.34
CA LYS C 125 28.32 -3.97 18.69
C LYS C 125 28.04 -2.49 18.45
N LYS C 126 28.06 -2.10 17.18
CA LYS C 126 27.81 -0.71 16.82
C LYS C 126 26.91 -0.61 15.61
N MET C 127 26.16 0.49 15.54
CA MET C 127 25.25 0.67 14.43
C MET C 127 25.06 2.14 14.14
N ASN C 128 25.01 2.47 12.87
CA ASN C 128 24.81 3.86 12.48
C ASN C 128 23.45 4.27 13.05
N LEU C 129 23.37 5.47 13.60
CA LEU C 129 22.14 5.97 14.18
C LEU C 129 20.94 5.87 13.24
N MET C 130 21.14 6.22 11.97
CA MET C 130 20.05 6.19 11.00
C MET C 130 19.45 4.81 10.86
N ILE C 131 20.29 3.78 10.93
CA ILE C 131 19.79 2.42 10.81
C ILE C 131 19.12 2.03 12.12
N ALA C 132 19.79 2.31 13.24
CA ALA C 132 19.28 1.98 14.56
C ALA C 132 17.96 2.65 14.89
N GLN C 133 17.72 3.82 14.33
CA GLN C 133 16.49 4.53 14.60
C GLN C 133 15.46 4.30 13.48
N GLY C 134 15.94 4.19 12.25
CA GLY C 134 15.04 3.97 11.12
C GLY C 134 14.32 2.63 11.18
N VAL C 135 15.07 1.59 11.52
CA VAL C 135 14.52 0.24 11.64
C VAL C 135 13.42 0.22 12.68
N THR C 136 12.35 -0.52 12.41
CA THR C 136 11.24 -0.57 13.35
C THR C 136 11.25 -1.86 14.17
N THR C 137 11.88 -2.89 13.63
CA THR C 137 11.98 -4.17 14.30
C THR C 137 13.30 -4.86 13.99
N ILE C 138 14.01 -5.26 15.04
CA ILE C 138 15.26 -5.97 14.82
C ILE C 138 15.11 -7.43 15.23
N ILE C 139 15.60 -8.31 14.39
CA ILE C 139 15.58 -9.74 14.65
C ILE C 139 17.01 -10.18 14.32
N ASP C 140 17.80 -10.43 15.36
CA ASP C 140 19.19 -10.82 15.18
C ASP C 140 19.35 -11.99 14.22
N GLY C 141 20.05 -11.76 13.13
CA GLY C 141 20.25 -12.81 12.15
C GLY C 141 21.06 -13.96 12.73
N ASN C 142 22.01 -13.63 13.59
CA ASN C 142 22.88 -14.63 14.22
C ASN C 142 22.22 -15.49 15.28
N THR C 143 21.25 -14.95 16.00
CA THR C 143 20.62 -15.68 17.08
C THR C 143 19.14 -15.98 16.94
N GLU C 144 18.43 -15.14 16.19
CA GLU C 144 16.98 -15.32 16.05
C GLU C 144 16.52 -15.40 14.61
N PHE C 145 17.41 -15.84 13.73
CA PHE C 145 17.06 -15.93 12.32
C PHE C 145 15.74 -16.67 12.14
N GLU C 146 15.57 -17.75 12.90
CA GLU C 146 14.37 -18.58 12.84
C GLU C 146 13.05 -17.84 13.01
N LYS C 147 13.06 -16.76 13.79
CA LYS C 147 11.85 -15.98 14.02
C LYS C 147 11.14 -15.52 12.74
N LEU C 148 11.88 -15.33 11.66
CA LEU C 148 11.25 -14.89 10.42
C LEU C 148 10.09 -15.82 10.03
N ALA C 149 10.12 -17.03 10.57
CA ALA C 149 9.10 -18.02 10.27
C ALA C 149 7.81 -17.84 11.08
N ASP C 150 7.94 -17.26 12.27
CA ASP C 150 6.79 -17.05 13.15
C ASP C 150 6.28 -15.61 13.18
N TYR C 151 7.17 -14.67 12.92
CA TYR C 151 6.83 -13.25 12.91
C TYR C 151 5.53 -12.96 12.16
N ASN C 152 4.59 -12.29 12.82
CA ASN C 152 3.32 -11.95 12.18
C ASN C 152 3.52 -10.77 11.24
N PHE C 153 3.62 -11.06 9.95
CA PHE C 153 3.81 -10.00 8.97
C PHE C 153 2.52 -9.27 8.59
N ASN C 154 1.40 -9.65 9.18
CA ASN C 154 0.14 -8.97 8.91
C ASN C 154 0.11 -7.67 9.71
N GLU C 155 0.90 -7.62 10.77
CA GLU C 155 0.92 -6.43 11.63
C GLU C 155 2.31 -5.88 11.92
N CYS C 156 3.34 -6.70 11.73
CA CYS C 156 4.73 -6.31 11.96
C CYS C 156 4.98 -5.58 13.27
N PRO C 157 4.76 -6.27 14.41
CA PRO C 157 4.99 -5.63 15.70
C PRO C 157 6.42 -5.09 15.78
N SER C 158 6.57 -3.88 16.30
CA SER C 158 7.88 -3.27 16.38
C SER C 158 8.78 -3.79 17.49
N ASN C 159 10.08 -3.59 17.33
CA ASN C 159 11.06 -4.01 18.32
C ASN C 159 12.30 -3.17 18.07
N PRO C 160 12.37 -2.00 18.72
CA PRO C 160 13.46 -1.02 18.63
C PRO C 160 14.85 -1.59 18.88
N VAL C 161 15.80 -1.13 18.08
CA VAL C 161 17.19 -1.55 18.23
C VAL C 161 17.71 -1.03 19.56
N ARG C 162 18.42 -1.87 20.28
CA ARG C 162 18.98 -1.50 21.57
C ARG C 162 20.22 -2.37 21.80
N GLY C 163 21.12 -1.91 22.67
CA GLY C 163 22.31 -2.69 22.95
C GLY C 163 23.47 -2.47 21.99
N TYR C 164 23.26 -1.59 21.01
CA TYR C 164 24.29 -1.27 20.03
C TYR C 164 24.87 0.10 20.30
N GLY C 165 26.20 0.19 20.33
CA GLY C 165 26.82 1.49 20.53
C GLY C 165 26.51 2.32 19.31
N ILE C 166 26.44 3.64 19.47
CA ILE C 166 26.15 4.51 18.34
C ILE C 166 27.15 5.64 18.22
N TYR C 167 27.81 5.71 17.06
CA TYR C 167 28.82 6.72 16.78
C TYR C 167 28.23 8.01 16.20
O5' 3D1 D . -10.52 10.32 -18.10
C5' 3D1 D . -10.86 9.09 -17.46
C4' 3D1 D . -9.92 8.74 -16.27
O4' 3D1 D . -9.92 9.76 -15.24
C1' 3D1 D . -10.88 9.36 -14.23
N9 3D1 D . -12.42 9.99 -14.57
C4 3D1 D . -13.66 9.63 -14.08
N3 3D1 D . -13.94 8.64 -13.16
C2 3D1 D . -15.27 8.54 -12.90
N1 3D1 D . -16.28 9.30 -13.45
C6 3D1 D . -15.95 10.30 -14.39
N6 3D1 D . -16.84 11.08 -14.98
C5 3D1 D . -14.60 10.49 -14.72
N7 3D1 D . -14.02 11.39 -15.61
C8 3D1 D . -12.77 11.07 -15.49
C2' 3D1 D . -11.01 7.84 -14.33
C3' 3D1 D . -10.39 7.43 -15.64
O3' 3D1 D . -9.32 6.51 -15.35
O5' 3D1 E . -6.35 8.09 20.85
C5' 3D1 E . -6.39 6.73 20.37
C4' 3D1 E . -5.93 6.58 18.89
O4' 3D1 E . -4.56 7.01 18.70
C1' 3D1 E . -3.71 5.85 18.80
N9 3D1 E . -3.16 5.64 20.40
C4 3D1 E . -2.61 4.52 21.03
N3 3D1 E . -2.36 3.28 20.46
C2 3D1 E . -1.81 2.42 21.36
N1 3D1 E . -1.50 2.67 22.69
C6 3D1 E . -1.76 3.95 23.21
N6 3D1 E . -1.50 4.28 24.46
C5 3D1 E . -2.33 4.92 22.36
N7 3D1 E . -2.68 6.24 22.64
C8 3D1 E . -3.15 6.61 21.49
C2' 3D1 E . -4.56 4.65 18.46
C3' 3D1 E . -6.00 5.10 18.51
O3' 3D1 E . -6.58 4.87 17.21
O5' 3D1 F . 22.77 -3.88 -2.38
C5' 3D1 F . 21.72 -4.82 -2.60
C4' 3D1 F . 20.31 -4.23 -2.35
O4' 3D1 F . 20.01 -3.10 -3.23
C1' 3D1 F . 19.20 -3.59 -4.34
N9 3D1 F . 20.20 -3.98 -5.66
C4 3D1 F . 19.93 -4.75 -6.80
N3 3D1 F . 18.74 -5.40 -7.11
C2 3D1 F . 18.82 -6.06 -8.30
N1 3D1 F . 19.93 -6.13 -9.14
C6 3D1 F . 21.12 -5.44 -8.77
N6 3D1 F . 22.23 -5.45 -9.51
C5 3D1 F . 21.12 -4.73 -7.56
N7 3D1 F . 22.16 -3.99 -6.98
C8 3D1 F . 21.58 -3.58 -5.90
C2' 3D1 F . 18.57 -4.90 -3.90
C3' 3D1 F . 19.25 -5.33 -2.62
O3' 3D1 F . 18.24 -5.44 -1.61
#